data_9NIU
#
_entry.id   9NIU
#
_cell.length_a   36.110
_cell.length_b   125.822
_cell.length_c   47.614
_cell.angle_alpha   90.00
_cell.angle_beta   93.07
_cell.angle_gamma   90.00
#
_symmetry.space_group_name_H-M   'P 1 21 1'
#
loop_
_entity.id
_entity.type
_entity.pdbx_description
1 polymer 'Fatty acid-binding protein, brain'
2 non-polymer 'difluoro{1,1,2,2-tetrafluoro-2-[1,1,2,2-tetrafluoro-2-(nonafluorobutoxy)ethoxy]ethoxy}acetic acid'
3 non-polymer 1,2-ETHANEDIOL
4 water water
#
_entity_poly.entity_id   1
_entity_poly.type   'polypeptide(L)'
_entity_poly.pdbx_seq_one_letter_code
;MHHHHHHSSGRENLYFQGMVEAFCATWKLTNSQNFDEYMKALGVGFATRQVGNVTKPTVIISQEGDKVVIRTLSTFKNTE
ISFQLGEEFDETTADDRNCKSVVSLDGDKLVHIQKWDGKETNFVREIKDGKMVMTLTFGDVVAVRHYEKA
;
_entity_poly.pdbx_strand_id   A,B,C
#
# COMPACT_ATOMS: atom_id res chain seq x y z
N GLY A 10 2.23 18.46 7.05
CA GLY A 10 3.66 18.39 6.83
C GLY A 10 4.32 17.28 7.65
N ARG A 11 5.12 17.67 8.66
CA ARG A 11 5.83 16.74 9.57
C ARG A 11 4.83 15.94 10.43
N GLU A 12 3.63 16.53 10.68
CA GLU A 12 2.52 15.95 11.45
C GLU A 12 1.97 14.71 10.73
N ASN A 13 1.65 14.83 9.43
CA ASN A 13 1.14 13.71 8.65
C ASN A 13 2.25 12.68 8.41
N LEU A 14 3.51 13.13 8.27
CA LEU A 14 4.65 12.24 8.05
C LEU A 14 4.88 11.38 9.32
N TYR A 15 4.68 12.00 10.50
CA TYR A 15 4.79 11.31 11.79
C TYR A 15 3.68 10.24 11.94
N PHE A 16 2.41 10.62 11.75
CA PHE A 16 1.24 9.74 11.87
C PHE A 16 1.23 8.60 10.80
N GLN A 17 1.62 8.89 9.56
CA GLN A 17 1.66 7.87 8.52
C GLN A 17 2.83 6.87 8.73
N GLY A 18 4.02 7.37 9.10
CA GLY A 18 5.21 6.56 9.32
C GLY A 18 5.12 5.69 10.55
N MET A 19 4.44 6.19 11.61
CA MET A 19 4.23 5.48 12.86
C MET A 19 3.24 4.34 12.66
N VAL A 20 2.07 4.63 12.07
CA VAL A 20 1.04 3.61 11.80
C VAL A 20 1.58 2.53 10.85
N GLU A 21 2.35 2.93 9.79
CA GLU A 21 2.94 1.98 8.84
C GLU A 21 3.85 0.94 9.56
N ALA A 22 4.66 1.39 10.56
CA ALA A 22 5.59 0.56 11.35
C ALA A 22 4.90 -0.55 12.12
N PHE A 23 3.68 -0.29 12.60
CA PHE A 23 2.90 -1.22 13.40
C PHE A 23 2.02 -2.16 12.59
N CYS A 24 1.70 -1.81 11.34
CA CYS A 24 0.80 -2.62 10.51
C CYS A 24 1.53 -3.84 9.93
N ALA A 25 1.21 -5.06 10.49
CA ALA A 25 1.81 -6.36 10.16
C ALA A 25 1.05 -7.43 10.91
N THR A 26 1.42 -8.71 10.67
CA THR A 26 0.94 -9.89 11.40
C THR A 26 2.06 -10.16 12.39
N TRP A 27 1.74 -10.13 13.69
CA TRP A 27 2.70 -10.26 14.78
C TRP A 27 2.46 -11.54 15.54
N LYS A 28 3.51 -12.32 15.74
CA LYS A 28 3.43 -13.58 16.47
C LYS A 28 4.12 -13.42 17.80
N LEU A 29 3.47 -13.88 18.90
CA LEU A 29 4.08 -13.82 20.24
C LEU A 29 5.33 -14.71 20.31
N THR A 30 6.50 -14.14 20.68
CA THR A 30 7.72 -14.95 20.80
C THR A 30 8.23 -15.06 22.23
N ASN A 31 7.85 -14.11 23.11
CA ASN A 31 8.35 -14.08 24.48
C ASN A 31 7.40 -13.36 25.45
N SER A 32 7.28 -13.88 26.67
CA SER A 32 6.45 -13.29 27.71
C SER A 32 7.24 -13.14 29.04
N GLN A 33 7.05 -12.02 29.75
CA GLN A 33 7.69 -11.80 31.04
C GLN A 33 6.68 -11.19 32.00
N ASN A 34 6.40 -11.89 33.12
CA ASN A 34 5.50 -11.42 34.19
C ASN A 34 4.04 -11.23 33.75
N PHE A 35 3.59 -11.93 32.68
CA PHE A 35 2.19 -11.83 32.20
C PHE A 35 1.24 -12.47 33.21
N ASP A 36 1.73 -13.50 33.92
CA ASP A 36 0.93 -14.15 34.95
C ASP A 36 0.61 -13.15 36.09
N GLU A 37 1.62 -12.38 36.57
CA GLU A 37 1.44 -11.35 37.61
C GLU A 37 0.50 -10.28 37.13
N TYR A 38 0.66 -9.83 35.86
CA TYR A 38 -0.21 -8.85 35.26
C TYR A 38 -1.65 -9.33 35.25
N MET A 39 -1.92 -10.58 34.78
CA MET A 39 -3.29 -11.12 34.81
C MET A 39 -3.83 -11.20 36.24
N LYS A 40 -2.98 -11.53 37.21
CA LYS A 40 -3.40 -11.60 38.62
C LYS A 40 -3.81 -10.21 39.16
N ALA A 41 -3.00 -9.15 38.88
CA ALA A 41 -3.32 -7.78 39.29
C ALA A 41 -4.65 -7.30 38.69
N LEU A 42 -4.99 -7.75 37.47
CA LEU A 42 -6.25 -7.42 36.77
C LEU A 42 -7.47 -8.12 37.37
N GLY A 43 -7.24 -9.18 38.15
CA GLY A 43 -8.30 -9.95 38.77
C GLY A 43 -8.78 -11.11 37.92
N VAL A 44 -7.94 -11.53 36.94
CA VAL A 44 -8.23 -12.69 36.08
C VAL A 44 -8.05 -13.95 37.00
N GLY A 45 -9.10 -14.77 37.12
CA GLY A 45 -9.15 -15.99 37.94
C GLY A 45 -8.21 -17.08 37.44
N PHE A 46 -7.97 -18.10 38.29
CA PHE A 46 -7.08 -19.26 38.10
C PHE A 46 -7.33 -19.93 36.74
N ALA A 47 -8.59 -20.37 36.50
CA ALA A 47 -9.04 -21.02 35.27
C ALA A 47 -8.51 -20.33 33.99
N THR A 48 -8.93 -19.06 33.72
CA THR A 48 -8.53 -18.25 32.56
C THR A 48 -7.01 -18.05 32.52
N ARG A 49 -6.36 -17.73 33.68
CA ARG A 49 -4.88 -17.53 33.74
C ARG A 49 -4.14 -18.75 33.23
N GLN A 50 -4.58 -19.98 33.62
CA GLN A 50 -3.97 -21.23 33.15
C GLN A 50 -4.00 -21.31 31.63
N VAL A 51 -5.11 -20.85 31.00
CA VAL A 51 -5.21 -20.81 29.55
C VAL A 51 -4.32 -19.67 29.01
N GLY A 52 -4.44 -18.49 29.61
CA GLY A 52 -3.70 -17.31 29.19
C GLY A 52 -2.20 -17.47 29.21
N ASN A 53 -1.66 -18.32 30.12
CA ASN A 53 -0.21 -18.57 30.18
C ASN A 53 0.30 -19.55 29.10
N VAL A 54 -0.58 -20.29 28.43
CA VAL A 54 -0.13 -21.23 27.40
C VAL A 54 -0.57 -20.77 25.96
N THR A 55 -1.50 -19.80 25.89
CA THR A 55 -2.09 -19.31 24.64
C THR A 55 -1.03 -18.48 23.89
N LYS A 56 -0.91 -18.77 22.58
CA LYS A 56 0.05 -18.20 21.67
C LYS A 56 -0.74 -17.27 20.67
N PRO A 57 -0.91 -15.96 20.98
CA PRO A 57 -1.71 -15.11 20.08
C PRO A 57 -0.95 -14.59 18.86
N THR A 58 -1.72 -14.27 17.82
CA THR A 58 -1.28 -13.62 16.57
C THR A 58 -2.05 -12.29 16.58
N VAL A 59 -1.33 -11.18 16.44
CA VAL A 59 -1.94 -9.87 16.52
C VAL A 59 -1.78 -9.27 15.13
N ILE A 60 -2.87 -8.91 14.49
CA ILE A 60 -2.84 -8.32 13.13
C ILE A 60 -3.23 -6.89 13.25
N ILE A 61 -2.31 -5.99 12.88
CA ILE A 61 -2.58 -4.57 12.94
C ILE A 61 -2.70 -4.09 11.51
N SER A 62 -3.79 -3.40 11.18
CA SER A 62 -4.06 -2.92 9.82
C SER A 62 -4.78 -1.58 9.80
N GLN A 63 -4.79 -0.92 8.63
CA GLN A 63 -5.47 0.34 8.36
C GLN A 63 -6.70 0.01 7.50
N GLU A 64 -7.91 0.28 8.00
CA GLU A 64 -9.15 0.02 7.24
C GLU A 64 -9.93 1.31 7.12
N GLY A 65 -9.55 2.08 6.11
CA GLY A 65 -10.07 3.41 5.84
C GLY A 65 -9.36 4.40 6.72
N ASP A 66 -10.13 5.22 7.46
CA ASP A 66 -9.62 6.21 8.42
C ASP A 66 -9.30 5.54 9.78
N LYS A 67 -9.82 4.32 9.99
CA LYS A 67 -9.66 3.55 11.21
C LYS A 67 -8.43 2.63 11.21
N VAL A 68 -7.88 2.37 12.42
CA VAL A 68 -6.77 1.44 12.68
C VAL A 68 -7.47 0.23 13.32
N VAL A 69 -7.15 -0.98 12.85
CA VAL A 69 -7.79 -2.20 13.30
C VAL A 69 -6.78 -3.11 14.01
N ILE A 70 -7.15 -3.67 15.17
CA ILE A 70 -6.26 -4.61 15.88
C ILE A 70 -7.02 -5.91 16.12
N ARG A 71 -6.60 -7.00 15.45
CA ARG A 71 -7.21 -8.33 15.59
C ARG A 71 -6.30 -9.20 16.36
N THR A 72 -6.80 -9.79 17.46
CA THR A 72 -6.01 -10.70 18.30
C THR A 72 -6.62 -12.08 18.10
N LEU A 73 -5.85 -12.96 17.47
CA LEU A 73 -6.29 -14.28 17.13
C LEU A 73 -5.63 -15.30 18.03
N SER A 74 -6.46 -16.11 18.70
CA SER A 74 -5.96 -17.14 19.60
C SER A 74 -6.96 -18.29 19.70
N THR A 75 -6.53 -19.37 20.36
CA THR A 75 -7.40 -20.53 20.64
C THR A 75 -8.29 -20.21 21.85
N PHE A 76 -8.01 -19.11 22.60
CA PHE A 76 -8.85 -18.76 23.73
C PHE A 76 -10.04 -17.94 23.24
N LYS A 77 -9.79 -16.70 22.84
CA LYS A 77 -10.83 -15.84 22.32
C LYS A 77 -10.24 -15.00 21.20
N ASN A 78 -11.03 -14.65 20.22
CA ASN A 78 -10.59 -13.80 19.13
C ASN A 78 -11.19 -12.41 19.37
N THR A 79 -10.35 -11.36 19.36
CA THR A 79 -10.88 -10.02 19.58
C THR A 79 -10.56 -9.16 18.42
N GLU A 80 -11.40 -8.14 18.19
CA GLU A 80 -11.15 -7.18 17.15
C GLU A 80 -11.55 -5.80 17.64
N ILE A 81 -10.62 -4.82 17.53
CA ILE A 81 -10.95 -3.45 17.87
C ILE A 81 -10.67 -2.57 16.65
N SER A 82 -11.51 -1.55 16.44
CA SER A 82 -11.44 -0.61 15.32
C SER A 82 -11.53 0.77 15.93
N PHE A 83 -10.61 1.69 15.56
CA PHE A 83 -10.60 3.03 16.17
C PHE A 83 -9.95 4.12 15.31
N GLN A 84 -10.26 5.38 15.65
CA GLN A 84 -9.60 6.58 15.14
C GLN A 84 -8.57 6.91 16.26
N LEU A 85 -7.32 7.25 15.91
CA LEU A 85 -6.30 7.58 16.90
C LEU A 85 -6.72 8.77 17.72
N GLY A 86 -6.66 8.62 19.04
CA GLY A 86 -7.03 9.64 20.01
C GLY A 86 -8.52 9.80 20.27
N GLU A 87 -9.39 8.98 19.63
CA GLU A 87 -10.85 9.05 19.85
C GLU A 87 -11.31 7.82 20.65
N GLU A 88 -11.94 8.08 21.81
CA GLU A 88 -12.47 7.11 22.75
C GLU A 88 -13.49 6.16 22.09
N PHE A 89 -13.51 4.89 22.50
CA PHE A 89 -14.40 3.85 21.97
C PHE A 89 -14.70 2.79 23.04
N ASP A 90 -15.78 2.03 22.86
CA ASP A 90 -16.21 0.97 23.77
C ASP A 90 -15.50 -0.33 23.39
N GLU A 91 -14.99 -1.05 24.39
CA GLU A 91 -14.25 -2.28 24.16
C GLU A 91 -14.60 -3.35 25.20
N THR A 92 -15.04 -4.53 24.75
CA THR A 92 -15.24 -5.65 25.66
C THR A 92 -13.98 -6.49 25.49
N THR A 93 -13.16 -6.58 26.57
CA THR A 93 -11.87 -7.28 26.51
C THR A 93 -12.03 -8.79 26.57
N ALA A 94 -10.93 -9.52 26.25
CA ALA A 94 -10.85 -10.98 26.30
C ALA A 94 -11.27 -11.56 27.66
N ASP A 95 -11.01 -10.83 28.76
CA ASP A 95 -11.37 -11.24 30.11
C ASP A 95 -12.70 -10.59 30.57
N ASP A 96 -13.56 -10.21 29.60
CA ASP A 96 -14.91 -9.68 29.75
C ASP A 96 -15.01 -8.40 30.61
N ARG A 97 -14.12 -7.42 30.37
CA ARG A 97 -14.20 -6.10 31.01
C ARG A 97 -14.74 -5.15 29.94
N ASN A 98 -15.76 -4.34 30.27
CA ASN A 98 -16.38 -3.39 29.34
C ASN A 98 -15.74 -2.02 29.59
N CYS A 99 -14.77 -1.70 28.76
CA CYS A 99 -13.96 -0.50 28.92
C CYS A 99 -14.33 0.60 27.99
N LYS A 100 -13.86 1.80 28.36
CA LYS A 100 -13.85 3.03 27.58
C LYS A 100 -12.36 3.08 27.27
N SER A 101 -11.99 2.98 25.99
CA SER A 101 -10.57 2.93 25.60
C SER A 101 -10.18 4.03 24.64
N VAL A 102 -8.89 4.39 24.62
CA VAL A 102 -8.30 5.39 23.71
C VAL A 102 -6.94 4.81 23.23
N VAL A 103 -6.76 4.68 21.91
CA VAL A 103 -5.49 4.27 21.31
C VAL A 103 -4.89 5.53 20.66
N SER A 104 -3.69 5.89 21.09
CA SER A 104 -3.06 7.11 20.63
C SER A 104 -1.57 6.93 20.33
N LEU A 105 -0.96 7.96 19.73
CA LEU A 105 0.47 7.97 19.47
C LEU A 105 1.19 8.84 20.49
N ASP A 106 2.30 8.35 21.03
CA ASP A 106 3.12 9.07 21.99
C ASP A 106 4.53 8.84 21.54
N GLY A 107 5.04 9.77 20.72
CA GLY A 107 6.37 9.64 20.13
C GLY A 107 6.43 8.41 19.25
N ASP A 108 7.30 7.43 19.59
CA ASP A 108 7.45 6.19 18.84
C ASP A 108 6.59 5.08 19.45
N LYS A 109 5.66 5.45 20.35
CA LYS A 109 4.84 4.46 21.04
C LYS A 109 3.36 4.58 20.65
N LEU A 110 2.71 3.43 20.52
CA LEU A 110 1.29 3.31 20.28
C LEU A 110 0.76 2.93 21.69
N VAL A 111 -0.02 3.83 22.30
CA VAL A 111 -0.52 3.70 23.68
C VAL A 111 -1.99 3.34 23.68
N HIS A 112 -2.35 2.29 24.42
CA HIS A 112 -3.73 1.82 24.50
C HIS A 112 -4.10 1.91 25.98
N ILE A 113 -5.10 2.75 26.33
CA ILE A 113 -5.52 2.97 27.72
C ILE A 113 -6.93 2.46 27.88
N GLN A 114 -7.18 1.58 28.87
CA GLN A 114 -8.52 1.05 29.14
C GLN A 114 -8.95 1.51 30.50
N LYS A 115 -10.17 2.07 30.57
CA LYS A 115 -10.75 2.51 31.82
C LYS A 115 -12.06 1.77 32.04
N TRP A 116 -12.23 1.22 33.25
CA TRP A 116 -13.44 0.50 33.67
C TRP A 116 -13.52 0.53 35.19
N ASP A 117 -14.74 0.73 35.77
CA ASP A 117 -14.99 0.71 37.22
C ASP A 117 -14.06 1.65 38.04
N GLY A 118 -13.67 2.78 37.46
CA GLY A 118 -12.76 3.71 38.13
C GLY A 118 -11.29 3.28 38.09
N LYS A 119 -11.01 2.09 37.50
CA LYS A 119 -9.65 1.52 37.32
C LYS A 119 -9.10 1.89 35.96
N GLU A 120 -7.79 1.74 35.78
CA GLU A 120 -7.14 2.01 34.54
C GLU A 120 -5.93 1.10 34.34
N THR A 121 -5.83 0.54 33.14
CA THR A 121 -4.68 -0.26 32.68
C THR A 121 -4.27 0.32 31.31
N ASN A 122 -3.00 0.15 30.93
CA ASN A 122 -2.52 0.62 29.66
C ASN A 122 -1.53 -0.38 29.06
N PHE A 123 -1.42 -0.37 27.74
CA PHE A 123 -0.54 -1.22 26.95
C PHE A 123 0.22 -0.29 26.06
N VAL A 124 1.54 -0.36 26.12
CA VAL A 124 2.40 0.46 25.29
C VAL A 124 3.05 -0.46 24.29
N ARG A 125 2.88 -0.16 22.99
CA ARG A 125 3.49 -0.93 21.92
C ARG A 125 4.55 -0.08 21.25
N GLU A 126 5.73 -0.68 21.05
CA GLU A 126 6.84 0.00 20.40
C GLU A 126 7.60 -0.97 19.52
N ILE A 127 8.20 -0.46 18.45
CA ILE A 127 8.99 -1.25 17.51
C ILE A 127 10.45 -1.13 17.92
N LYS A 128 11.08 -2.27 18.19
CA LYS A 128 12.48 -2.28 18.64
C LYS A 128 13.24 -3.35 17.87
N ASP A 129 14.14 -2.90 16.99
CA ASP A 129 14.94 -3.76 16.11
C ASP A 129 14.00 -4.69 15.29
N GLY A 130 12.90 -4.11 14.81
CA GLY A 130 11.91 -4.82 14.00
C GLY A 130 10.93 -5.67 14.80
N LYS A 131 11.06 -5.74 16.14
CA LYS A 131 10.12 -6.52 16.92
C LYS A 131 9.09 -5.60 17.56
N MET A 132 7.91 -6.12 17.85
CA MET A 132 6.96 -5.31 18.58
C MET A 132 7.03 -5.70 20.07
N VAL A 133 7.36 -4.72 20.93
CA VAL A 133 7.42 -4.94 22.37
C VAL A 133 6.17 -4.31 22.97
N MET A 134 5.43 -5.11 23.71
CA MET A 134 4.19 -4.66 24.34
C MET A 134 4.40 -4.65 25.85
N THR A 135 4.26 -3.48 26.48
CA THR A 135 4.39 -3.33 27.92
C THR A 135 3.00 -3.13 28.51
N LEU A 136 2.62 -4.04 29.41
CA LEU A 136 1.29 -4.07 30.02
C LEU A 136 1.44 -3.63 31.45
N THR A 137 0.73 -2.57 31.85
CA THR A 137 0.83 -2.03 33.21
C THR A 137 -0.54 -1.88 33.90
N PHE A 138 -0.61 -2.38 35.15
CA PHE A 138 -1.73 -2.18 36.06
C PHE A 138 -1.12 -1.93 37.43
N GLY A 139 -1.10 -0.65 37.79
CA GLY A 139 -0.53 -0.19 39.05
C GLY A 139 0.98 -0.27 38.98
N ASP A 140 1.54 -1.08 39.88
CA ASP A 140 2.98 -1.32 39.99
C ASP A 140 3.37 -2.56 39.18
N VAL A 141 2.37 -3.34 38.76
CA VAL A 141 2.57 -4.61 38.08
C VAL A 141 2.72 -4.40 36.57
N VAL A 142 3.90 -4.82 36.08
CA VAL A 142 4.26 -4.65 34.67
C VAL A 142 4.61 -5.97 34.01
N ALA A 143 4.08 -6.19 32.81
CA ALA A 143 4.39 -7.37 32.01
C ALA A 143 4.95 -6.90 30.68
N VAL A 144 5.85 -7.70 30.10
CA VAL A 144 6.44 -7.36 28.81
C VAL A 144 6.23 -8.54 27.86
N ARG A 145 5.65 -8.29 26.69
CA ARG A 145 5.44 -9.31 25.66
C ARG A 145 6.14 -8.93 24.35
N HIS A 146 6.95 -9.83 23.79
CA HIS A 146 7.64 -9.59 22.53
C HIS A 146 6.97 -10.32 21.36
N TYR A 147 6.85 -9.65 20.21
CA TYR A 147 6.24 -10.20 18.99
C TYR A 147 7.20 -10.01 17.82
N GLU A 148 7.16 -10.93 16.87
CA GLU A 148 7.97 -10.83 15.67
C GLU A 148 7.01 -10.90 14.51
N LYS A 149 7.40 -10.42 13.35
CA LYS A 149 6.58 -10.43 12.14
C LYS A 149 6.49 -11.84 11.57
N ALA A 150 5.28 -12.26 11.14
CA ALA A 150 5.08 -13.58 10.55
C ALA A 150 5.07 -13.50 9.02
N GLY B 10 2.45 -9.95 -37.68
CA GLY B 10 1.38 -9.08 -38.17
C GLY B 10 0.19 -9.11 -37.25
N ARG B 11 -0.77 -10.02 -37.51
CA ARG B 11 -1.97 -10.18 -36.67
C ARG B 11 -1.62 -10.87 -35.34
N GLU B 12 -0.42 -11.51 -35.27
CA GLU B 12 0.12 -12.15 -34.06
C GLU B 12 0.53 -11.02 -33.10
N ASN B 13 1.04 -9.89 -33.66
CA ASN B 13 1.42 -8.70 -32.88
C ASN B 13 0.17 -7.96 -32.40
N LEU B 14 -0.82 -7.70 -33.30
CA LEU B 14 -2.06 -6.99 -32.94
C LEU B 14 -2.86 -7.74 -31.84
N TYR B 15 -2.90 -9.09 -31.92
CA TYR B 15 -3.58 -9.94 -30.93
C TYR B 15 -2.87 -9.90 -29.58
N PHE B 16 -1.55 -10.16 -29.56
CA PHE B 16 -0.74 -10.17 -28.36
C PHE B 16 -0.78 -8.79 -27.68
N GLN B 17 -0.61 -7.69 -28.45
CA GLN B 17 -0.61 -6.34 -27.86
C GLN B 17 -1.98 -5.95 -27.29
N GLY B 18 -3.06 -6.22 -28.05
CA GLY B 18 -4.43 -5.89 -27.65
C GLY B 18 -4.87 -6.65 -26.41
N MET B 19 -4.52 -7.95 -26.35
CA MET B 19 -4.83 -8.81 -25.21
C MET B 19 -4.07 -8.41 -23.94
N VAL B 20 -2.74 -8.21 -24.04
CA VAL B 20 -1.93 -7.82 -22.89
C VAL B 20 -2.40 -6.44 -22.35
N GLU B 21 -2.66 -5.47 -23.26
CA GLU B 21 -3.12 -4.11 -22.88
C GLU B 21 -4.31 -4.12 -21.88
N ALA B 22 -5.32 -4.97 -22.15
CA ALA B 22 -6.54 -5.13 -21.36
C ALA B 22 -6.19 -5.41 -19.87
N PHE B 23 -5.04 -6.03 -19.58
CA PHE B 23 -4.65 -6.39 -18.20
C PHE B 23 -3.74 -5.34 -17.56
N CYS B 24 -3.18 -4.43 -18.37
CA CYS B 24 -2.21 -3.42 -17.93
C CYS B 24 -2.90 -2.28 -17.20
N ALA B 25 -2.84 -2.34 -15.86
CA ALA B 25 -3.46 -1.37 -14.96
C ALA B 25 -3.09 -1.69 -13.51
N THR B 26 -3.54 -0.82 -12.58
CA THR B 26 -3.42 -1.02 -11.13
C THR B 26 -4.79 -1.53 -10.64
N TRP B 27 -4.83 -2.77 -10.15
CA TRP B 27 -6.05 -3.47 -9.74
C TRP B 27 -6.16 -3.56 -8.23
N LYS B 28 -7.36 -3.29 -7.69
CA LYS B 28 -7.70 -3.38 -6.27
C LYS B 28 -8.71 -4.52 -6.07
N LEU B 29 -8.46 -5.45 -5.12
CA LEU B 29 -9.40 -6.53 -4.85
C LEU B 29 -10.70 -5.96 -4.31
N THR B 30 -11.84 -6.34 -4.91
CA THR B 30 -13.16 -5.87 -4.45
C THR B 30 -14.02 -6.99 -3.87
N ASN B 31 -13.77 -8.25 -4.33
CA ASN B 31 -14.60 -9.40 -3.91
C ASN B 31 -13.83 -10.70 -3.98
N SER B 32 -14.13 -11.61 -3.06
CA SER B 32 -13.49 -12.91 -2.97
C SER B 32 -14.57 -14.00 -2.73
N GLN B 33 -14.49 -15.11 -3.47
CA GLN B 33 -15.41 -16.25 -3.27
C GLN B 33 -14.62 -17.53 -3.15
N ASN B 34 -14.82 -18.28 -2.06
CA ASN B 34 -14.23 -19.59 -1.81
C ASN B 34 -12.68 -19.56 -1.74
N PHE B 35 -12.09 -18.37 -1.44
CA PHE B 35 -10.63 -18.25 -1.36
C PHE B 35 -10.11 -18.98 -0.11
N ASP B 36 -10.89 -19.02 1.01
CA ASP B 36 -10.45 -19.72 2.22
C ASP B 36 -10.27 -21.21 1.91
N GLU B 37 -11.24 -21.83 1.19
CA GLU B 37 -11.23 -23.23 0.75
C GLU B 37 -10.08 -23.47 -0.19
N TYR B 38 -9.83 -22.51 -1.13
CA TYR B 38 -8.72 -22.65 -2.06
C TYR B 38 -7.38 -22.71 -1.31
N MET B 39 -7.14 -21.77 -0.36
CA MET B 39 -5.92 -21.78 0.45
C MET B 39 -5.80 -23.08 1.25
N LYS B 40 -6.90 -23.59 1.82
CA LYS B 40 -6.88 -24.84 2.58
C LYS B 40 -6.41 -26.01 1.70
N ALA B 41 -6.96 -26.14 0.47
CA ALA B 41 -6.65 -27.20 -0.49
C ALA B 41 -5.19 -27.19 -0.95
N LEU B 42 -4.58 -25.98 -1.00
CA LEU B 42 -3.18 -25.79 -1.35
C LEU B 42 -2.27 -26.35 -0.27
N GLY B 43 -2.84 -26.52 0.91
CA GLY B 43 -2.08 -26.96 2.06
C GLY B 43 -1.49 -25.75 2.76
N VAL B 44 -2.13 -24.57 2.57
CA VAL B 44 -1.69 -23.33 3.23
C VAL B 44 -2.08 -23.54 4.71
N GLY B 45 -1.09 -23.50 5.60
CA GLY B 45 -1.30 -23.64 7.04
C GLY B 45 -2.22 -22.56 7.54
N PHE B 46 -2.97 -22.87 8.61
CA PHE B 46 -3.97 -22.02 9.27
C PHE B 46 -3.50 -20.57 9.59
N ALA B 47 -2.22 -20.39 9.96
CA ALA B 47 -1.66 -19.10 10.34
C ALA B 47 -1.60 -18.14 9.14
N THR B 48 -1.11 -18.61 7.99
CA THR B 48 -1.05 -17.85 6.74
C THR B 48 -2.48 -17.49 6.23
N ARG B 49 -3.47 -18.43 6.36
N ARG B 49 -3.47 -18.42 6.36
CA ARG B 49 -4.87 -18.23 5.93
CA ARG B 49 -4.86 -18.20 5.92
C ARG B 49 -5.56 -17.08 6.66
C ARG B 49 -5.56 -17.07 6.66
N GLN B 50 -5.26 -16.91 7.97
CA GLN B 50 -5.80 -15.85 8.85
C GLN B 50 -5.52 -14.49 8.22
N VAL B 51 -4.26 -14.26 7.79
CA VAL B 51 -3.85 -13.02 7.11
C VAL B 51 -4.45 -12.97 5.72
N GLY B 52 -4.27 -14.05 4.95
CA GLY B 52 -4.79 -14.21 3.59
C GLY B 52 -6.24 -13.84 3.42
N ASN B 53 -7.06 -14.13 4.45
CA ASN B 53 -8.48 -13.83 4.43
C ASN B 53 -8.82 -12.36 4.69
N VAL B 54 -7.93 -11.60 5.40
CA VAL B 54 -8.20 -10.19 5.72
C VAL B 54 -7.40 -9.20 4.79
N THR B 55 -6.55 -9.74 3.90
CA THR B 55 -5.76 -8.93 2.94
C THR B 55 -6.58 -8.61 1.66
N LYS B 56 -6.50 -7.35 1.20
CA LYS B 56 -7.15 -6.80 -0.02
C LYS B 56 -6.01 -6.29 -0.90
N PRO B 57 -5.23 -7.15 -1.59
CA PRO B 57 -4.02 -6.66 -2.28
C PRO B 57 -4.27 -5.80 -3.51
N THR B 58 -3.20 -5.09 -3.93
CA THR B 58 -3.18 -4.30 -5.14
C THR B 58 -2.36 -5.12 -6.09
N VAL B 59 -2.83 -5.24 -7.35
CA VAL B 59 -2.13 -6.00 -8.36
C VAL B 59 -1.80 -5.05 -9.50
N ILE B 60 -0.52 -4.85 -9.79
CA ILE B 60 -0.10 -4.02 -10.94
C ILE B 60 0.36 -4.95 -12.04
N ILE B 61 -0.31 -4.91 -13.19
CA ILE B 61 0.09 -5.70 -14.35
C ILE B 61 0.57 -4.69 -15.40
N SER B 62 1.81 -4.88 -15.87
CA SER B 62 2.42 -3.95 -16.82
C SER B 62 3.23 -4.69 -17.89
N GLN B 63 3.60 -3.96 -18.95
CA GLN B 63 4.37 -4.51 -20.04
C GLN B 63 5.70 -3.75 -20.02
N GLU B 64 6.80 -4.46 -19.74
CA GLU B 64 8.17 -3.93 -19.70
C GLU B 64 8.94 -4.64 -20.79
N GLY B 65 9.07 -3.96 -21.92
CA GLY B 65 9.73 -4.50 -23.11
C GLY B 65 8.93 -5.69 -23.61
N ASP B 66 9.63 -6.84 -23.77
N ASP B 66 9.60 -6.84 -23.79
CA ASP B 66 9.12 -8.13 -24.21
CA ASP B 66 8.94 -8.08 -24.24
C ASP B 66 8.59 -8.96 -23.03
C ASP B 66 8.36 -8.86 -23.05
N LYS B 67 8.67 -8.40 -21.80
CA LYS B 67 8.19 -9.07 -20.58
C LYS B 67 6.85 -8.48 -20.04
N VAL B 68 6.09 -9.32 -19.33
CA VAL B 68 4.86 -8.93 -18.61
C VAL B 68 5.24 -9.04 -17.17
N VAL B 69 5.00 -7.98 -16.39
CA VAL B 69 5.35 -7.91 -14.96
C VAL B 69 4.08 -7.87 -14.15
N ILE B 70 4.03 -8.64 -13.05
CA ILE B 70 2.90 -8.68 -12.15
C ILE B 70 3.45 -8.41 -10.75
N ARG B 71 3.09 -7.26 -10.18
CA ARG B 71 3.48 -6.82 -8.84
C ARG B 71 2.27 -6.93 -7.92
N THR B 72 2.40 -7.72 -6.85
CA THR B 72 1.29 -7.86 -5.91
C THR B 72 1.75 -7.16 -4.66
N LEU B 73 0.98 -6.13 -4.28
CA LEU B 73 1.27 -5.29 -3.14
C LEU B 73 0.29 -5.48 -2.02
N SER B 74 0.78 -5.79 -0.82
CA SER B 74 -0.07 -5.88 0.37
C SER B 74 0.75 -5.53 1.62
N THR B 75 0.07 -5.35 2.76
CA THR B 75 0.75 -5.04 4.02
C THR B 75 1.56 -6.25 4.51
N PHE B 76 1.09 -7.48 4.17
CA PHE B 76 1.62 -8.78 4.57
C PHE B 76 2.88 -9.21 3.79
N LYS B 77 2.82 -9.23 2.44
CA LYS B 77 3.94 -9.69 1.60
C LYS B 77 3.77 -9.17 0.18
N ASN B 78 4.84 -8.57 -0.35
CA ASN B 78 4.87 -8.07 -1.72
C ASN B 78 5.49 -9.13 -2.60
N THR B 79 4.97 -9.31 -3.82
CA THR B 79 5.54 -10.27 -4.76
C THR B 79 5.73 -9.60 -6.11
N GLU B 80 6.73 -10.06 -6.85
CA GLU B 80 6.97 -9.50 -8.17
C GLU B 80 7.39 -10.61 -9.11
N ILE B 81 6.64 -10.84 -10.18
CA ILE B 81 7.02 -11.82 -11.20
C ILE B 81 7.13 -11.11 -12.55
N SER B 82 8.13 -11.48 -13.33
CA SER B 82 8.42 -10.95 -14.66
C SER B 82 8.62 -12.16 -15.54
N PHE B 83 8.04 -12.14 -16.75
CA PHE B 83 8.11 -13.30 -17.65
C PHE B 83 7.83 -12.95 -19.11
N GLN B 84 8.16 -13.88 -19.99
CA GLN B 84 7.81 -13.81 -21.40
C GLN B 84 6.66 -14.79 -21.49
N LEU B 85 5.57 -14.45 -22.23
CA LEU B 85 4.44 -15.39 -22.34
C LEU B 85 4.89 -16.70 -22.96
N GLY B 86 4.49 -17.81 -22.35
CA GLY B 86 4.80 -19.16 -22.80
C GLY B 86 6.18 -19.66 -22.44
N GLU B 87 7.00 -18.85 -21.75
CA GLU B 87 8.33 -19.25 -21.32
C GLU B 87 8.28 -19.61 -19.81
N GLU B 88 8.71 -20.84 -19.47
CA GLU B 88 8.77 -21.34 -18.09
C GLU B 88 9.76 -20.54 -17.25
N PHE B 89 9.39 -20.20 -16.02
CA PHE B 89 10.22 -19.42 -15.10
C PHE B 89 10.12 -19.93 -13.66
N ASP B 90 11.10 -19.60 -12.81
CA ASP B 90 11.08 -20.01 -11.40
C ASP B 90 10.26 -19.00 -10.64
N GLU B 91 9.36 -19.46 -9.80
CA GLU B 91 8.52 -18.56 -9.03
C GLU B 91 8.43 -19.03 -7.58
N THR B 92 8.77 -18.15 -6.61
CA THR B 92 8.57 -18.43 -5.20
C THR B 92 7.31 -17.64 -4.82
N THR B 93 6.22 -18.35 -4.53
CA THR B 93 4.90 -17.75 -4.24
C THR B 93 4.86 -17.09 -2.85
N ALA B 94 3.78 -16.29 -2.58
CA ALA B 94 3.55 -15.64 -1.27
C ALA B 94 3.48 -16.66 -0.12
N ASP B 95 2.97 -17.86 -0.40
CA ASP B 95 2.89 -18.93 0.60
C ASP B 95 4.12 -19.84 0.55
N ASP B 96 5.22 -19.37 -0.10
CA ASP B 96 6.57 -19.98 -0.13
C ASP B 96 6.64 -21.39 -0.76
N ARG B 97 5.99 -21.60 -1.89
CA ARG B 97 6.09 -22.84 -2.65
C ARG B 97 7.09 -22.53 -3.77
N ASN B 98 8.11 -23.42 -3.98
CA ASN B 98 9.07 -23.14 -5.07
C ASN B 98 8.54 -23.79 -6.33
N CYS B 99 8.02 -22.95 -7.21
CA CYS B 99 7.32 -23.36 -8.41
C CYS B 99 8.09 -23.16 -9.69
N LYS B 100 7.74 -23.97 -10.71
CA LYS B 100 8.11 -23.85 -12.11
C LYS B 100 6.77 -23.37 -12.71
N SER B 101 6.74 -22.15 -13.23
CA SER B 101 5.52 -21.52 -13.72
C SER B 101 5.60 -21.08 -15.18
N VAL B 102 4.43 -20.99 -15.85
CA VAL B 102 4.26 -20.52 -17.24
C VAL B 102 2.96 -19.69 -17.28
N VAL B 103 3.06 -18.49 -17.83
CA VAL B 103 1.94 -17.59 -18.06
C VAL B 103 1.82 -17.47 -19.57
N SER B 104 0.63 -17.73 -20.06
CA SER B 104 0.34 -17.66 -21.49
C SER B 104 -1.02 -17.01 -21.74
N LEU B 105 -1.29 -16.68 -23.03
CA LEU B 105 -2.56 -16.16 -23.51
C LEU B 105 -3.36 -17.33 -24.10
N ASP B 106 -4.62 -17.44 -23.72
CA ASP B 106 -5.56 -18.45 -24.21
C ASP B 106 -6.78 -17.66 -24.58
N GLY B 107 -6.80 -17.25 -25.83
CA GLY B 107 -7.83 -16.37 -26.37
C GLY B 107 -7.62 -15.00 -25.78
N ASP B 108 -8.58 -14.54 -24.98
CA ASP B 108 -8.54 -13.23 -24.35
C ASP B 108 -8.15 -13.36 -22.85
N LYS B 109 -7.77 -14.58 -22.42
CA LYS B 109 -7.44 -14.92 -21.03
C LYS B 109 -5.97 -15.16 -20.80
N LEU B 110 -5.50 -14.66 -19.66
CA LEU B 110 -4.15 -14.81 -19.15
C LEU B 110 -4.18 -16.00 -18.18
N VAL B 111 -3.54 -17.11 -18.57
CA VAL B 111 -3.51 -18.39 -17.84
C VAL B 111 -2.13 -18.57 -17.21
N HIS B 112 -2.08 -18.73 -15.89
CA HIS B 112 -0.83 -18.86 -15.13
C HIS B 112 -0.85 -20.21 -14.42
N ILE B 113 0.04 -21.13 -14.86
CA ILE B 113 0.17 -22.47 -14.30
C ILE B 113 1.40 -22.54 -13.39
N GLN B 114 1.24 -23.07 -12.19
CA GLN B 114 2.34 -23.26 -11.22
C GLN B 114 2.47 -24.74 -10.95
N LYS B 115 3.67 -25.28 -11.09
CA LYS B 115 3.95 -26.69 -10.81
C LYS B 115 5.02 -26.81 -9.71
N TRP B 116 4.75 -27.65 -8.72
CA TRP B 116 5.66 -27.90 -7.58
C TRP B 116 5.35 -29.27 -6.97
N ASP B 117 6.40 -30.09 -6.72
CA ASP B 117 6.30 -31.41 -6.08
C ASP B 117 5.28 -32.36 -6.75
N GLY B 118 5.20 -32.33 -8.08
CA GLY B 118 4.27 -33.17 -8.83
C GLY B 118 2.83 -32.65 -8.83
N LYS B 119 2.60 -31.49 -8.17
CA LYS B 119 1.28 -30.85 -8.08
C LYS B 119 1.23 -29.71 -9.06
N GLU B 120 0.01 -29.23 -9.33
CA GLU B 120 -0.25 -28.16 -10.26
C GLU B 120 -1.53 -27.42 -9.89
N THR B 121 -1.44 -26.09 -9.86
CA THR B 121 -2.54 -25.16 -9.65
C THR B 121 -2.47 -24.13 -10.81
N ASN B 122 -3.59 -23.47 -11.12
CA ASN B 122 -3.62 -22.47 -12.16
C ASN B 122 -4.54 -21.32 -11.80
N PHE B 123 -4.24 -20.14 -12.35
CA PHE B 123 -5.02 -18.93 -12.18
C PHE B 123 -5.39 -18.42 -13.54
N VAL B 124 -6.70 -18.18 -13.75
CA VAL B 124 -7.15 -17.63 -15.03
C VAL B 124 -7.56 -16.21 -14.74
N ARG B 125 -6.95 -15.27 -15.47
CA ARG B 125 -7.28 -13.84 -15.38
C ARG B 125 -7.97 -13.42 -16.68
N GLU B 126 -9.09 -12.74 -16.53
CA GLU B 126 -9.89 -12.29 -17.67
C GLU B 126 -10.57 -10.98 -17.33
N ILE B 127 -10.85 -10.18 -18.35
CA ILE B 127 -11.51 -8.89 -18.18
C ILE B 127 -12.98 -9.01 -18.53
N LYS B 128 -13.86 -8.65 -17.59
CA LYS B 128 -15.29 -8.70 -17.78
C LYS B 128 -15.84 -7.37 -17.30
N ASP B 129 -16.44 -6.60 -18.22
CA ASP B 129 -17.03 -5.28 -17.99
C ASP B 129 -15.99 -4.33 -17.31
N GLY B 130 -14.75 -4.47 -17.72
CA GLY B 130 -13.63 -3.65 -17.25
C GLY B 130 -13.08 -4.08 -15.90
N LYS B 131 -13.56 -5.22 -15.35
CA LYS B 131 -13.08 -5.78 -14.08
C LYS B 131 -12.18 -6.95 -14.36
N MET B 132 -11.15 -7.17 -13.51
CA MET B 132 -10.35 -8.36 -13.68
C MET B 132 -10.95 -9.47 -12.80
N VAL B 133 -11.29 -10.62 -13.41
CA VAL B 133 -11.87 -11.73 -12.67
C VAL B 133 -10.76 -12.78 -12.64
N MET B 134 -10.35 -13.16 -11.45
CA MET B 134 -9.31 -14.17 -11.32
C MET B 134 -9.94 -15.50 -10.77
N THR B 135 -9.79 -16.57 -11.50
CA THR B 135 -10.28 -17.87 -11.10
C THR B 135 -9.08 -18.72 -10.71
N LEU B 136 -9.07 -19.20 -9.47
CA LEU B 136 -7.96 -20.00 -8.93
C LEU B 136 -8.46 -21.42 -8.76
N THR B 137 -7.71 -22.39 -9.31
CA THR B 137 -8.15 -23.78 -9.25
C THR B 137 -7.04 -24.73 -8.77
N PHE B 138 -7.35 -25.57 -7.77
CA PHE B 138 -6.46 -26.62 -7.33
C PHE B 138 -7.35 -27.83 -7.16
N GLY B 139 -7.30 -28.74 -8.12
CA GLY B 139 -8.17 -29.91 -8.12
C GLY B 139 -9.59 -29.50 -8.45
N ASP B 140 -10.56 -29.80 -7.55
CA ASP B 140 -11.96 -29.44 -7.73
C ASP B 140 -12.29 -28.16 -6.99
N VAL B 141 -11.32 -27.65 -6.20
CA VAL B 141 -11.47 -26.45 -5.39
C VAL B 141 -11.15 -25.22 -6.23
N VAL B 142 -12.18 -24.40 -6.41
CA VAL B 142 -12.16 -23.20 -7.23
C VAL B 142 -12.50 -21.96 -6.38
N ALA B 143 -11.68 -20.92 -6.49
CA ALA B 143 -11.94 -19.63 -5.88
C ALA B 143 -12.03 -18.60 -6.99
N VAL B 144 -12.80 -17.54 -6.77
CA VAL B 144 -12.94 -16.43 -7.72
C VAL B 144 -12.67 -15.12 -6.99
N ARG B 145 -11.84 -14.26 -7.57
CA ARG B 145 -11.49 -12.99 -6.98
C ARG B 145 -11.74 -11.88 -7.99
N HIS B 146 -12.51 -10.85 -7.60
CA HIS B 146 -12.78 -9.72 -8.48
C HIS B 146 -11.95 -8.49 -8.10
N TYR B 147 -11.44 -7.78 -9.12
CA TYR B 147 -10.62 -6.57 -8.96
C TYR B 147 -11.19 -5.46 -9.81
N GLU B 148 -11.01 -4.20 -9.38
CA GLU B 148 -11.32 -3.04 -10.20
C GLU B 148 -10.11 -2.14 -10.29
N LYS B 149 -10.05 -1.29 -11.34
CA LYS B 149 -8.98 -0.33 -11.53
C LYS B 149 -8.96 0.64 -10.33
N ALA B 150 -7.81 0.71 -9.64
CA ALA B 150 -7.63 1.55 -8.45
C ALA B 150 -7.39 3.02 -8.83
N GLY C 10 10.44 42.95 -24.70
CA GLY C 10 11.46 42.52 -25.65
C GLY C 10 12.07 41.19 -25.25
N ARG C 11 13.23 41.24 -24.54
CA ARG C 11 13.96 40.06 -23.99
C ARG C 11 13.06 39.25 -23.03
N GLU C 12 11.85 39.79 -22.77
CA GLU C 12 10.78 39.20 -21.99
C GLU C 12 10.20 38.04 -22.82
N ASN C 13 9.92 38.30 -24.11
CA ASN C 13 9.40 37.32 -25.06
C ASN C 13 10.43 36.20 -25.37
N LEU C 14 11.74 36.54 -25.43
CA LEU C 14 12.83 35.58 -25.68
C LEU C 14 12.89 34.59 -24.53
N TYR C 15 12.90 35.13 -23.29
CA TYR C 15 12.95 34.39 -22.04
C TYR C 15 11.80 33.37 -21.95
N PHE C 16 10.55 33.83 -22.14
CA PHE C 16 9.36 33.00 -22.07
C PHE C 16 9.43 31.84 -23.07
N GLN C 17 9.56 32.15 -24.39
CA GLN C 17 9.61 31.17 -25.48
C GLN C 17 10.74 30.10 -25.32
N GLY C 18 11.92 30.52 -24.88
CA GLY C 18 13.06 29.62 -24.72
C GLY C 18 12.81 28.66 -23.59
N MET C 19 12.52 29.22 -22.39
CA MET C 19 12.23 28.48 -21.16
C MET C 19 11.11 27.46 -21.38
N VAL C 20 10.04 27.81 -22.13
CA VAL C 20 8.92 26.91 -22.41
C VAL C 20 9.40 25.75 -23.34
N GLU C 21 10.04 26.06 -24.47
CA GLU C 21 10.64 25.12 -25.44
C GLU C 21 11.56 24.04 -24.75
N ALA C 22 12.34 24.42 -23.73
CA ALA C 22 13.24 23.51 -22.98
C ALA C 22 12.49 22.38 -22.28
N PHE C 23 11.25 22.66 -21.83
CA PHE C 23 10.44 21.68 -21.10
C PHE C 23 9.59 20.81 -22.01
N CYS C 24 9.33 21.23 -23.26
CA CYS C 24 8.45 20.48 -24.15
C CYS C 24 9.17 19.25 -24.72
N ALA C 25 8.71 18.04 -24.26
CA ALA C 25 9.24 16.71 -24.60
C ALA C 25 8.42 15.60 -23.90
N THR C 26 8.82 14.32 -24.15
CA THR C 26 8.29 13.11 -23.54
C THR C 26 9.37 12.71 -22.52
N TRP C 27 9.03 12.76 -21.22
CA TRP C 27 9.93 12.54 -20.09
C TRP C 27 9.58 11.27 -19.37
N LYS C 28 10.55 10.43 -19.10
CA LYS C 28 10.32 9.17 -18.41
C LYS C 28 11.03 9.23 -17.06
N LEU C 29 10.36 8.80 -15.97
CA LEU C 29 10.98 8.78 -14.64
C LEU C 29 12.16 7.79 -14.58
N THR C 30 13.34 8.25 -14.11
CA THR C 30 14.51 7.38 -13.98
C THR C 30 14.94 7.16 -12.52
N ASN C 31 14.58 8.11 -11.63
CA ASN C 31 15.03 8.07 -10.22
C ASN C 31 14.10 8.92 -9.35
N SER C 32 13.84 8.47 -8.10
CA SER C 32 13.07 9.18 -7.06
C SER C 32 13.88 9.17 -5.81
N GLN C 33 13.82 10.28 -5.06
CA GLN C 33 14.51 10.40 -3.76
C GLN C 33 13.55 11.03 -2.78
N ASN C 34 13.18 10.31 -1.69
CA ASN C 34 12.34 10.82 -0.59
C ASN C 34 10.88 11.07 -1.04
N PHE C 35 10.45 10.45 -2.16
CA PHE C 35 9.06 10.57 -2.63
C PHE C 35 8.13 9.85 -1.65
N ASP C 36 8.61 8.82 -0.93
CA ASP C 36 7.74 8.14 0.04
C ASP C 36 7.38 9.13 1.20
N GLU C 37 8.37 9.84 1.77
CA GLU C 37 8.12 10.85 2.82
C GLU C 37 7.21 11.96 2.34
N TYR C 38 7.42 12.46 1.09
CA TYR C 38 6.60 13.53 0.53
C TYR C 38 5.14 13.05 0.43
N MET C 39 4.92 11.82 -0.06
CA MET C 39 3.56 11.28 -0.16
C MET C 39 2.97 11.15 1.26
N LYS C 40 3.78 10.69 2.23
CA LYS C 40 3.31 10.57 3.62
C LYS C 40 2.92 11.98 4.19
N ALA C 41 3.77 13.01 3.94
CA ALA C 41 3.51 14.40 4.36
C ALA C 41 2.20 14.93 3.77
N LEU C 42 1.90 14.60 2.49
CA LEU C 42 0.66 14.96 1.77
C LEU C 42 -0.59 14.27 2.33
N GLY C 43 -0.40 13.23 3.15
CA GLY C 43 -1.49 12.42 3.69
C GLY C 43 -1.95 11.36 2.70
N VAL C 44 -1.09 10.98 1.72
CA VAL C 44 -1.40 9.91 0.74
C VAL C 44 -1.42 8.59 1.55
N GLY C 45 -2.51 7.80 1.41
CA GLY C 45 -2.70 6.52 2.05
C GLY C 45 -1.64 5.50 1.68
N PHE C 46 -1.38 4.54 2.59
CA PHE C 46 -0.36 3.48 2.44
C PHE C 46 -0.50 2.69 1.12
N ALA C 47 -1.73 2.26 0.77
CA ALA C 47 -1.96 1.49 -0.47
C ALA C 47 -1.54 2.27 -1.72
N THR C 48 -1.92 3.56 -1.81
CA THR C 48 -1.55 4.44 -2.95
C THR C 48 -0.03 4.66 -2.94
N ARG C 49 0.57 4.84 -1.75
CA ARG C 49 2.05 5.02 -1.60
C ARG C 49 2.82 3.83 -2.16
N GLN C 50 2.35 2.59 -1.89
CA GLN C 50 3.00 1.38 -2.43
C GLN C 50 3.04 1.41 -3.96
N VAL C 51 1.94 1.90 -4.60
CA VAL C 51 1.85 2.06 -6.05
C VAL C 51 2.78 3.21 -6.48
N GLY C 52 2.66 4.34 -5.78
CA GLY C 52 3.45 5.54 -6.05
C GLY C 52 4.95 5.30 -5.97
N ASN C 53 5.38 4.36 -5.15
CA ASN C 53 6.80 4.02 -4.97
C ASN C 53 7.34 3.02 -6.00
N VAL C 54 6.49 2.39 -6.81
CA VAL C 54 6.97 1.45 -7.83
C VAL C 54 6.59 1.92 -9.30
N THR C 55 5.67 2.90 -9.47
CA THR C 55 5.23 3.40 -10.80
C THR C 55 6.30 4.38 -11.36
N LYS C 56 6.60 4.30 -12.69
CA LYS C 56 7.59 5.21 -13.35
C LYS C 56 6.82 5.89 -14.44
N PRO C 57 6.09 6.97 -14.12
CA PRO C 57 5.23 7.57 -15.16
C PRO C 57 5.97 8.24 -16.29
N THR C 58 5.26 8.48 -17.38
CA THR C 58 5.75 9.21 -18.55
C THR C 58 5.04 10.55 -18.48
N VAL C 59 5.81 11.66 -18.61
CA VAL C 59 5.29 13.02 -18.56
C VAL C 59 5.53 13.69 -19.92
N ILE C 60 4.46 14.11 -20.56
CA ILE C 60 4.58 14.80 -21.83
C ILE C 60 4.19 16.25 -21.59
N ILE C 61 5.13 17.16 -21.84
CA ILE C 61 4.93 18.62 -21.75
C ILE C 61 4.90 19.13 -23.20
N SER C 62 3.76 19.74 -23.58
CA SER C 62 3.58 20.26 -24.95
C SER C 62 2.92 21.63 -24.94
N GLN C 63 3.04 22.36 -26.06
CA GLN C 63 2.38 23.65 -26.25
C GLN C 63 1.26 23.41 -27.25
N GLU C 64 0.02 23.72 -26.86
CA GLU C 64 -1.14 23.58 -27.75
C GLU C 64 -1.75 24.97 -27.88
N GLY C 65 -1.15 25.76 -28.76
CA GLY C 65 -1.50 27.15 -28.97
C GLY C 65 -0.83 28.02 -27.92
N ASP C 66 -1.64 28.78 -27.18
CA ASP C 66 -1.21 29.65 -26.10
C ASP C 66 -1.09 28.88 -24.79
N LYS C 67 -1.73 27.69 -24.73
CA LYS C 67 -1.75 26.83 -23.55
C LYS C 67 -0.61 25.82 -23.55
N VAL C 68 -0.14 25.51 -22.33
CA VAL C 68 0.88 24.51 -22.05
C VAL C 68 0.09 23.32 -21.48
N VAL C 69 0.38 22.13 -21.97
CA VAL C 69 -0.32 20.91 -21.55
C VAL C 69 0.64 19.98 -20.88
N ILE C 70 0.25 19.44 -19.71
CA ILE C 70 1.08 18.45 -19.01
C ILE C 70 0.23 17.19 -18.91
N ARG C 71 0.64 16.13 -19.64
CA ARG C 71 -0.01 14.82 -19.65
C ARG C 71 0.86 13.85 -18.90
N THR C 72 0.30 13.19 -17.88
CA THR C 72 1.02 12.19 -17.06
C THR C 72 0.39 10.82 -17.31
N LEU C 73 1.17 9.90 -17.90
CA LEU C 73 0.73 8.57 -18.28
C LEU C 73 1.39 7.54 -17.42
N SER C 74 0.60 6.74 -16.74
CA SER C 74 1.10 5.68 -15.88
C SER C 74 0.08 4.54 -15.78
N THR C 75 0.49 3.42 -15.17
CA THR C 75 -0.39 2.26 -14.96
C THR C 75 -1.36 2.53 -13.83
N PHE C 76 -1.19 3.66 -13.11
CA PHE C 76 -2.06 4.01 -11.99
C PHE C 76 -3.19 4.95 -12.43
N LYS C 77 -2.87 6.22 -12.65
CA LYS C 77 -3.88 7.19 -13.10
C LYS C 77 -3.28 8.07 -14.18
N ASN C 78 -4.04 8.30 -15.25
CA ASN C 78 -3.54 9.19 -16.29
C ASN C 78 -4.15 10.53 -15.99
N THR C 79 -3.33 11.59 -15.94
CA THR C 79 -3.83 12.94 -15.71
C THR C 79 -3.48 13.87 -16.88
N GLU C 80 -4.27 14.92 -17.06
CA GLU C 80 -3.99 15.92 -18.08
C GLU C 80 -4.35 17.30 -17.55
N ILE C 81 -3.39 18.22 -17.50
CA ILE C 81 -3.68 19.60 -17.11
C ILE C 81 -3.30 20.48 -18.29
N SER C 82 -4.02 21.58 -18.48
CA SER C 82 -3.82 22.54 -19.56
C SER C 82 -3.93 23.92 -18.95
N PHE C 83 -2.94 24.78 -19.19
CA PHE C 83 -2.95 26.11 -18.57
C PHE C 83 -2.22 27.19 -19.37
N GLN C 84 -2.51 28.44 -19.02
CA GLN C 84 -1.80 29.62 -19.48
C GLN C 84 -0.88 29.94 -18.29
N LEU C 85 0.39 30.28 -18.53
CA LEU C 85 1.33 30.58 -17.44
C LEU C 85 0.87 31.77 -16.59
N GLY C 86 0.87 31.58 -15.27
CA GLY C 86 0.47 32.56 -14.29
C GLY C 86 -1.03 32.72 -14.08
N GLU C 87 -1.85 31.85 -14.71
CA GLU C 87 -3.31 31.96 -14.57
C GLU C 87 -3.83 30.74 -13.81
N GLU C 88 -4.49 31.01 -12.69
CA GLU C 88 -5.04 30.01 -11.79
C GLU C 88 -6.05 29.14 -12.52
N PHE C 89 -6.01 27.82 -12.24
CA PHE C 89 -6.91 26.85 -12.85
C PHE C 89 -7.31 25.78 -11.83
N ASP C 90 -8.38 25.03 -12.13
CA ASP C 90 -8.85 23.94 -11.26
C ASP C 90 -8.14 22.66 -11.65
N GLU C 91 -7.72 21.88 -10.66
CA GLU C 91 -6.99 20.63 -10.90
C GLU C 91 -7.32 19.56 -9.84
N THR C 92 -7.76 18.38 -10.32
CA THR C 92 -8.00 17.20 -9.51
C THR C 92 -6.74 16.35 -9.69
N THR C 93 -5.93 16.22 -8.63
CA THR C 93 -4.65 15.50 -8.68
C THR C 93 -4.87 13.98 -8.73
N ALA C 94 -3.80 13.22 -9.02
CA ALA C 94 -3.80 11.77 -9.06
C ALA C 94 -4.17 11.19 -7.69
N ASP C 95 -3.95 11.94 -6.59
CA ASP C 95 -4.32 11.50 -5.23
C ASP C 95 -5.67 12.15 -4.75
N ASP C 96 -6.49 12.62 -5.70
CA ASP C 96 -7.85 13.14 -5.50
C ASP C 96 -7.96 14.41 -4.62
N ARG C 97 -7.02 15.32 -4.72
CA ARG C 97 -7.15 16.62 -4.01
C ARG C 97 -7.71 17.58 -5.06
N ASN C 98 -8.76 18.34 -4.73
CA ASN C 98 -9.35 19.36 -5.62
C ASN C 98 -8.63 20.65 -5.30
N CYS C 99 -7.73 21.05 -6.21
CA CYS C 99 -6.82 22.18 -6.03
C CYS C 99 -7.11 23.36 -6.93
N LYS C 100 -6.62 24.54 -6.50
CA LYS C 100 -6.55 25.77 -7.28
C LYS C 100 -5.07 25.84 -7.56
N SER C 101 -4.70 25.71 -8.84
CA SER C 101 -3.29 25.66 -9.22
C SER C 101 -2.87 26.77 -10.14
N VAL C 102 -1.61 27.19 -10.05
CA VAL C 102 -0.97 28.21 -10.91
C VAL C 102 0.38 27.60 -11.32
N VAL C 103 0.67 27.60 -12.62
CA VAL C 103 1.97 27.19 -13.16
C VAL C 103 2.62 28.47 -13.72
N SER C 104 3.82 28.77 -13.28
CA SER C 104 4.51 29.99 -13.68
C SER C 104 6.00 29.75 -13.92
N LEU C 105 6.66 30.74 -14.55
CA LEU C 105 8.10 30.71 -14.80
C LEU C 105 8.81 31.56 -13.74
N ASP C 106 9.92 31.05 -13.19
CA ASP C 106 10.73 31.73 -12.18
C ASP C 106 12.16 31.46 -12.57
N GLY C 107 12.77 32.43 -13.26
CA GLY C 107 14.12 32.28 -13.78
C GLY C 107 14.20 31.08 -14.70
N ASP C 108 15.05 30.10 -14.35
CA ASP C 108 15.17 28.90 -15.18
C ASP C 108 14.28 27.75 -14.62
N LYS C 109 13.21 28.07 -13.86
CA LYS C 109 12.36 27.06 -13.24
C LYS C 109 10.84 27.21 -13.57
N LEU C 110 10.19 26.10 -13.86
CA LEU C 110 8.75 26.01 -14.09
C LEU C 110 8.17 25.58 -12.73
N VAL C 111 7.44 26.51 -12.07
CA VAL C 111 6.87 26.36 -10.73
C VAL C 111 5.38 26.08 -10.81
N HIS C 112 4.96 25.03 -10.12
CA HIS C 112 3.58 24.57 -10.06
C HIS C 112 3.16 24.56 -8.61
N ILE C 113 2.23 25.45 -8.25
CA ILE C 113 1.70 25.61 -6.89
C ILE C 113 0.25 25.12 -6.82
N GLN C 114 -0.03 24.15 -5.92
CA GLN C 114 -1.38 23.61 -5.69
C GLN C 114 -1.86 23.99 -4.31
N LYS C 115 -3.08 24.52 -4.20
CA LYS C 115 -3.69 24.93 -2.92
C LYS C 115 -5.00 24.20 -2.74
N TRP C 116 -5.20 23.64 -1.56
CA TRP C 116 -6.43 22.94 -1.19
C TRP C 116 -6.50 22.97 0.31
N ASP C 117 -7.71 23.21 0.86
CA ASP C 117 -8.03 23.20 2.30
C ASP C 117 -7.04 24.01 3.17
N GLY C 118 -6.68 25.21 2.72
CA GLY C 118 -5.74 26.08 3.44
C GLY C 118 -4.28 25.67 3.31
N LYS C 119 -4.01 24.46 2.74
CA LYS C 119 -2.67 23.91 2.52
C LYS C 119 -2.10 24.30 1.14
N GLU C 120 -0.80 24.06 0.96
CA GLU C 120 -0.11 24.39 -0.26
C GLU C 120 1.10 23.49 -0.45
N THR C 121 1.24 22.96 -1.67
CA THR C 121 2.38 22.17 -2.12
C THR C 121 2.85 22.79 -3.45
N ASN C 122 4.13 22.60 -3.79
CA ASN C 122 4.66 23.10 -5.03
C ASN C 122 5.65 22.10 -5.63
N PHE C 123 5.78 22.14 -6.96
CA PHE C 123 6.68 21.30 -7.72
C PHE C 123 7.49 22.23 -8.58
N VAL C 124 8.81 22.14 -8.47
CA VAL C 124 9.71 22.96 -9.29
C VAL C 124 10.34 22.03 -10.30
N ARG C 125 10.16 22.36 -11.59
CA ARG C 125 10.73 21.60 -12.69
C ARG C 125 11.83 22.43 -13.33
N GLU C 126 12.98 21.79 -13.52
CA GLU C 126 14.11 22.47 -14.13
C GLU C 126 14.85 21.51 -15.06
N ILE C 127 15.46 22.05 -16.10
CA ILE C 127 16.23 21.25 -17.04
C ILE C 127 17.72 21.34 -16.61
N LYS C 128 18.36 20.21 -16.30
CA LYS C 128 19.77 20.20 -15.90
C LYS C 128 20.50 19.15 -16.74
N ASP C 129 21.43 19.59 -17.58
CA ASP C 129 22.22 18.74 -18.49
C ASP C 129 21.24 17.89 -19.38
N GLY C 130 20.14 18.51 -19.80
CA GLY C 130 19.13 17.87 -20.67
C GLY C 130 18.19 16.93 -19.94
N LYS C 131 18.26 16.84 -18.59
CA LYS C 131 17.35 16.02 -17.79
C LYS C 131 16.33 16.93 -17.13
N MET C 132 15.14 16.44 -16.84
CA MET C 132 14.21 17.24 -16.08
C MET C 132 14.32 16.80 -14.62
N VAL C 133 14.54 17.77 -13.74
CA VAL C 133 14.64 17.54 -12.31
C VAL C 133 13.40 18.16 -11.66
N MET C 134 12.63 17.34 -10.96
CA MET C 134 11.41 17.81 -10.30
C MET C 134 11.54 17.76 -8.81
N THR C 135 11.44 18.92 -8.18
CA THR C 135 11.53 19.06 -6.72
C THR C 135 10.16 19.32 -6.19
N LEU C 136 9.70 18.41 -5.31
CA LEU C 136 8.34 18.43 -4.73
C LEU C 136 8.44 18.82 -3.25
N THR C 137 7.72 19.87 -2.83
CA THR C 137 7.81 20.34 -1.45
C THR C 137 6.45 20.48 -0.75
N PHE C 138 6.36 19.91 0.46
CA PHE C 138 5.22 20.09 1.33
C PHE C 138 5.78 20.35 2.72
N GLY C 139 5.67 21.60 3.16
CA GLY C 139 6.21 22.01 4.45
C GLY C 139 7.71 21.97 4.40
N ASP C 140 8.33 21.15 5.27
CA ASP C 140 9.79 20.98 5.30
C ASP C 140 10.17 19.64 4.63
N VAL C 141 9.18 18.96 4.02
CA VAL C 141 9.41 17.66 3.39
C VAL C 141 9.61 17.84 1.88
N VAL C 142 10.76 17.40 1.39
CA VAL C 142 11.20 17.57 0.00
C VAL C 142 11.52 16.22 -0.67
N ALA C 143 11.01 16.04 -1.87
CA ALA C 143 11.31 14.89 -2.72
C ALA C 143 11.91 15.44 -4.00
N VAL C 144 12.72 14.64 -4.68
CA VAL C 144 13.37 15.00 -5.93
C VAL C 144 13.16 13.82 -6.91
N ARG C 145 12.62 14.12 -8.08
CA ARG C 145 12.38 13.10 -9.11
C ARG C 145 13.16 13.48 -10.39
N HIS C 146 13.88 12.52 -10.99
CA HIS C 146 14.66 12.80 -12.22
C HIS C 146 14.02 12.07 -13.39
N TYR C 147 14.00 12.75 -14.54
CA TYR C 147 13.40 12.28 -15.79
C TYR C 147 14.37 12.45 -16.94
N GLU C 148 14.28 11.54 -17.91
CA GLU C 148 15.05 11.67 -19.13
C GLU C 148 14.11 11.66 -20.34
N LYS C 149 14.53 12.30 -21.42
CA LYS C 149 13.80 12.39 -22.67
C LYS C 149 13.69 11.01 -23.34
N ALA C 150 12.51 10.68 -23.89
CA ALA C 150 12.30 9.41 -24.57
C ALA C 150 12.57 9.55 -26.08
#